data_8SRY
#
_entry.id   8SRY
#
_cell.length_a   43.963
_cell.length_b   43.963
_cell.length_c   220.041
_cell.angle_alpha   90.00
_cell.angle_beta   90.00
_cell.angle_gamma   120.00
#
_symmetry.space_group_name_H-M   'P 61'
#
loop_
_entity.id
_entity.type
_entity.pdbx_description
1 polymer 'Bcl-2 homologous antagonist/killer'
2 polymer 'Apoptosis regulator BAX'
3 non-polymer 2-(2-METHOXYETHOXY)ETHANOL
4 non-polymer DI(HYDROXYETHYL)ETHER
5 non-polymer 3,6,9,12,15-PENTAOXATRICOSAN-1-OL
6 non-polymer 3,6,9,12,15,18-HEXAOXAICOSANE-1,20-DIOL
7 non-polymer 'TETRAETHYLENE GLYCOL'
8 water water
#
loop_
_entity_poly.entity_id
_entity_poly.type
_entity_poly.pdbx_seq_one_letter_code
_entity_poly.pdbx_strand_id
1 'polypeptide(L)'
;GPLGSSTMGQVGRQLAIIGDDINRRYDSEFQTMLQHLQPTAENAYEYFTKIATSLFESGINWGRVVALLGFGYRLALHVY
QHGGSGGSGGS
;
A,C
2 'polypeptide(L)' GGSGDASTKKLSESLKRIGDELDSNMELQRMIAAVDTDSPREVFFRVAADMFSDGNFNWGRVVALFYFASKLVLKALSTK B,D
#
# COMPACT_ATOMS: atom_id res chain seq x y z
N THR A 7 -16.00 -21.50 9.83
CA THR A 7 -16.72 -20.23 9.88
C THR A 7 -16.47 -19.35 8.66
N MET A 8 -15.24 -18.87 8.51
CA MET A 8 -14.93 -17.76 7.60
C MET A 8 -14.17 -18.19 6.36
N GLY A 9 -14.35 -19.44 5.92
CA GLY A 9 -13.61 -19.97 4.80
C GLY A 9 -14.10 -19.51 3.44
N GLN A 10 -15.42 -19.46 3.25
CA GLN A 10 -15.96 -19.11 1.94
C GLN A 10 -15.55 -17.70 1.52
N VAL A 11 -15.07 -16.89 2.45
CA VAL A 11 -14.64 -15.52 2.12
C VAL A 11 -13.24 -15.53 1.50
N GLY A 12 -12.31 -16.28 2.09
CA GLY A 12 -10.97 -16.34 1.54
C GLY A 12 -10.94 -16.87 0.12
N ARG A 13 -11.64 -17.97 -0.13
CA ARG A 13 -11.64 -18.58 -1.46
C ARG A 13 -12.48 -17.81 -2.47
N GLN A 14 -13.43 -17.00 -2.00
CA GLN A 14 -14.14 -16.10 -2.91
C GLN A 14 -13.28 -14.91 -3.31
N LEU A 15 -12.44 -14.42 -2.40
CA LEU A 15 -11.46 -13.39 -2.76
C LEU A 15 -10.42 -13.92 -3.75
N ALA A 16 -9.93 -15.14 -3.51
CA ALA A 16 -8.97 -15.74 -4.42
C ALA A 16 -9.59 -15.95 -5.80
N ILE A 17 -10.86 -16.35 -5.84
CA ILE A 17 -11.57 -16.46 -7.11
C ILE A 17 -11.65 -15.09 -7.78
N ILE A 18 -12.11 -14.08 -7.03
CA ILE A 18 -12.22 -12.73 -7.57
C ILE A 18 -10.85 -12.22 -8.02
N GLY A 19 -9.83 -12.42 -7.19
CA GLY A 19 -8.51 -11.93 -7.53
C GLY A 19 -7.92 -12.59 -8.77
N ASP A 20 -8.19 -13.89 -8.96
CA ASP A 20 -7.64 -14.57 -10.12
C ASP A 20 -8.28 -14.08 -11.41
N ASP A 21 -9.59 -13.80 -11.38
CA ASP A 21 -10.26 -13.26 -12.55
C ASP A 21 -9.67 -11.91 -12.94
N ILE A 22 -9.38 -11.07 -11.95
CA ILE A 22 -8.76 -9.78 -12.23
C ILE A 22 -7.39 -9.99 -12.85
N ASN A 23 -6.60 -10.89 -12.27
CA ASN A 23 -5.25 -11.16 -12.75
C ASN A 23 -5.25 -11.75 -14.16
N ARG A 24 -6.26 -12.56 -14.48
CA ARG A 24 -6.29 -13.25 -15.76
C ARG A 24 -6.40 -12.28 -16.93
N ARG A 25 -7.15 -11.20 -16.75
CA ARG A 25 -7.50 -10.33 -17.86
C ARG A 25 -6.87 -8.95 -17.79
N TYR A 26 -6.22 -8.59 -16.69
CA TYR A 26 -5.50 -7.34 -16.59
C TYR A 26 -4.00 -7.51 -16.51
N ASP A 27 -3.52 -8.60 -15.91
CA ASP A 27 -2.09 -8.73 -15.64
C ASP A 27 -1.28 -8.66 -16.92
N SER A 28 -1.69 -9.42 -17.94
CA SER A 28 -1.00 -9.35 -19.23
C SER A 28 -1.02 -7.93 -19.78
N GLU A 29 -2.17 -7.25 -19.63
CA GLU A 29 -2.27 -5.86 -20.07
C GLU A 29 -1.22 -4.98 -19.38
N PHE A 30 -1.11 -5.09 -18.06
CA PHE A 30 -0.25 -4.22 -17.29
C PHE A 30 1.23 -4.49 -17.58
N GLN A 31 1.60 -5.75 -17.74
CA GLN A 31 3.00 -6.09 -17.95
C GLN A 31 3.55 -5.37 -19.19
N THR A 32 2.77 -5.29 -20.26
CA THR A 32 3.26 -4.66 -21.48
C THR A 32 3.24 -3.14 -21.39
N MET A 33 2.15 -2.55 -20.87
CA MET A 33 2.09 -1.11 -20.76
C MET A 33 3.27 -0.58 -19.94
N LEU A 34 3.49 -1.14 -18.74
CA LEU A 34 4.70 -0.80 -18.01
C LEU A 34 5.92 -1.07 -18.85
N GLN A 35 5.87 -2.11 -19.69
CA GLN A 35 6.99 -2.45 -20.55
C GLN A 35 7.21 -1.36 -21.59
N HIS A 36 6.16 -1.02 -22.34
CA HIS A 36 6.25 0.08 -23.30
C HIS A 36 6.68 1.37 -22.60
N LEU A 37 6.20 1.57 -21.37
CA LEU A 37 6.47 2.82 -20.68
C LEU A 37 7.95 2.98 -20.38
N GLN A 38 8.63 1.88 -20.08
CA GLN A 38 10.05 1.89 -19.73
C GLN A 38 10.33 2.92 -18.63
N PRO A 39 9.61 2.86 -17.51
CA PRO A 39 9.86 3.83 -16.44
C PRO A 39 11.27 3.66 -15.92
N THR A 40 11.97 4.77 -15.72
CA THR A 40 13.33 4.69 -15.24
C THR A 40 13.34 4.77 -13.72
N ALA A 41 14.50 4.48 -13.14
CA ALA A 41 14.68 4.64 -11.70
C ALA A 41 14.53 6.13 -11.37
N GLU A 42 14.39 6.94 -12.42
CA GLU A 42 14.44 8.39 -12.30
C GLU A 42 13.09 9.04 -12.47
N ASN A 43 12.42 8.82 -13.61
CA ASN A 43 11.19 9.52 -13.97
C ASN A 43 9.94 8.73 -13.63
N ALA A 44 10.05 7.69 -12.79
CA ALA A 44 8.88 6.87 -12.47
C ALA A 44 7.79 7.67 -11.77
N TYR A 45 8.18 8.61 -10.90
CA TYR A 45 7.15 9.37 -10.20
C TYR A 45 6.39 10.31 -11.13
N GLU A 46 7.02 10.73 -12.23
CA GLU A 46 6.32 11.57 -13.20
C GLU A 46 5.20 10.79 -13.88
N TYR A 47 5.50 9.60 -14.38
CA TYR A 47 4.46 8.75 -14.94
C TYR A 47 3.37 8.47 -13.91
N PHE A 48 3.76 8.22 -12.65
CA PHE A 48 2.77 7.96 -11.61
C PHE A 48 1.87 9.15 -11.39
N THR A 49 2.43 10.36 -11.39
CA THR A 49 1.63 11.56 -11.18
C THR A 49 0.63 11.75 -12.32
N LYS A 50 1.07 11.53 -13.56
CA LYS A 50 0.18 11.69 -14.70
C LYS A 50 -0.90 10.62 -14.71
N ILE A 51 -0.55 9.38 -14.32
CA ILE A 51 -1.56 8.32 -14.25
C ILE A 51 -2.61 8.64 -13.18
N ALA A 52 -2.18 9.11 -12.01
CA ALA A 52 -3.14 9.37 -10.93
C ALA A 52 -4.07 10.52 -11.29
N THR A 53 -3.53 11.57 -11.92
CA THR A 53 -4.37 12.70 -12.34
C THR A 53 -5.41 12.23 -13.36
N SER A 54 -4.98 11.48 -14.37
CA SER A 54 -5.91 10.95 -15.34
C SER A 54 -6.90 9.98 -14.71
N LEU A 55 -6.55 9.42 -13.55
CA LEU A 55 -7.42 8.47 -12.89
C LEU A 55 -8.52 9.15 -12.08
N PHE A 56 -8.18 10.21 -11.34
CA PHE A 56 -9.14 10.89 -10.49
C PHE A 56 -9.95 11.98 -11.21
N GLU A 57 -9.85 12.06 -12.54
CA GLU A 57 -10.62 13.08 -13.24
C GLU A 57 -12.10 12.76 -13.25
N SER A 58 -12.45 11.49 -13.43
CA SER A 58 -13.85 11.08 -13.51
C SER A 58 -14.42 10.69 -12.16
N GLY A 59 -13.78 11.07 -11.07
CA GLY A 59 -14.24 10.75 -9.74
C GLY A 59 -13.21 9.95 -8.97
N ILE A 60 -13.46 9.88 -7.65
CA ILE A 60 -12.58 9.19 -6.71
C ILE A 60 -13.46 8.28 -5.87
N ASN A 61 -13.37 6.99 -6.17
CA ASN A 61 -14.06 5.96 -5.36
C ASN A 61 -12.96 5.16 -4.66
N TRP A 62 -13.30 4.35 -3.66
CA TRP A 62 -12.25 3.64 -2.89
C TRP A 62 -11.48 2.66 -3.78
N GLY A 63 -12.18 2.01 -4.70
CA GLY A 63 -11.53 1.04 -5.61
C GLY A 63 -10.47 1.68 -6.47
N ARG A 64 -10.67 2.93 -6.85
CA ARG A 64 -9.64 3.66 -7.63
C ARG A 64 -8.50 4.03 -6.69
N VAL A 65 -8.81 4.38 -5.45
CA VAL A 65 -7.74 4.65 -4.49
C VAL A 65 -6.91 3.39 -4.28
N VAL A 66 -7.59 2.26 -4.03
CA VAL A 66 -6.88 1.00 -3.83
C VAL A 66 -6.06 0.62 -5.07
N ALA A 67 -6.68 0.72 -6.24
CA ALA A 67 -5.97 0.37 -7.47
C ALA A 67 -4.75 1.25 -7.70
N LEU A 68 -4.83 2.53 -7.32
CA LEU A 68 -3.69 3.43 -7.52
C LEU A 68 -2.54 3.11 -6.57
N LEU A 69 -2.82 2.96 -5.28
CA LEU A 69 -1.77 2.60 -4.34
C LEU A 69 -1.13 1.27 -4.71
N GLY A 70 -1.93 0.28 -5.10
CA GLY A 70 -1.37 -0.96 -5.56
C GLY A 70 -0.47 -0.77 -6.77
N PHE A 71 -0.90 0.06 -7.73
CA PHE A 71 -0.08 0.30 -8.91
C PHE A 71 1.21 1.01 -8.56
N GLY A 72 1.15 1.93 -7.59
CA GLY A 72 2.36 2.59 -7.14
C GLY A 72 3.38 1.59 -6.64
N TYR A 73 2.91 0.56 -5.92
CA TYR A 73 3.82 -0.44 -5.39
C TYR A 73 4.35 -1.34 -6.50
N ARG A 74 3.49 -1.72 -7.45
CA ARG A 74 3.95 -2.53 -8.56
C ARG A 74 4.91 -1.76 -9.46
N LEU A 75 4.62 -0.49 -9.70
CA LEU A 75 5.53 0.32 -10.51
C LEU A 75 6.89 0.44 -9.85
N ALA A 76 6.90 0.63 -8.52
CA ALA A 76 8.18 0.67 -7.81
C ALA A 76 8.91 -0.67 -7.93
N LEU A 77 8.20 -1.79 -7.78
CA LEU A 77 8.83 -3.09 -7.95
C LEU A 77 9.33 -3.28 -9.37
N HIS A 78 8.63 -2.71 -10.36
CA HIS A 78 9.08 -2.80 -11.74
C HIS A 78 10.40 -2.08 -11.95
N VAL A 79 10.48 -0.84 -11.46
CA VAL A 79 11.71 -0.05 -11.63
C VAL A 79 12.91 -0.77 -11.04
N TYR A 80 12.83 -1.13 -9.76
CA TYR A 80 13.97 -1.75 -9.09
C TYR A 80 14.49 -2.96 -9.87
N GLN A 81 13.63 -3.59 -10.66
CA GLN A 81 14.05 -4.71 -11.48
C GLN A 81 14.61 -4.25 -12.83
N HIS A 82 13.84 -3.43 -13.55
CA HIS A 82 14.17 -3.01 -14.91
C HIS A 82 14.67 -1.56 -14.98
N GLY A 83 15.18 -1.02 -13.88
CA GLY A 83 15.58 0.37 -13.81
C GLY A 83 16.86 0.78 -14.52
N GLY A 84 17.14 0.19 -15.68
CA GLY A 84 18.37 0.49 -16.38
C GLY A 84 18.22 1.44 -17.55
N SER A 85 18.42 2.73 -17.29
CA SER A 85 18.40 3.78 -18.32
C SER A 85 18.29 5.15 -17.66
N GLY B 4 5.75 9.03 -23.22
CA GLY B 4 5.07 7.79 -22.91
C GLY B 4 3.59 7.97 -22.63
N ASP B 5 3.08 9.18 -22.87
CA ASP B 5 1.69 9.48 -22.60
C ASP B 5 0.74 8.56 -23.36
N ALA B 6 1.20 7.90 -24.43
CA ALA B 6 0.35 6.93 -25.11
C ALA B 6 -0.11 5.85 -24.13
N SER B 7 0.83 5.12 -23.54
CA SER B 7 0.48 4.04 -22.62
C SER B 7 -0.02 4.57 -21.27
N THR B 8 0.45 5.74 -20.85
CA THR B 8 0.06 6.26 -19.53
C THR B 8 -1.45 6.39 -19.39
N LYS B 9 -2.13 6.92 -20.41
CA LYS B 9 -3.58 7.04 -20.32
C LYS B 9 -4.29 5.70 -20.53
N LYS B 10 -3.62 4.73 -21.15
CA LYS B 10 -4.16 3.37 -21.16
C LYS B 10 -3.99 2.72 -19.80
N LEU B 11 -2.88 3.00 -19.12
CA LEU B 11 -2.73 2.58 -17.73
C LEU B 11 -3.79 3.22 -16.85
N SER B 12 -4.09 4.51 -17.09
CA SER B 12 -5.11 5.19 -16.32
C SER B 12 -6.47 4.54 -16.49
N GLU B 13 -6.88 4.31 -17.75
CA GLU B 13 -8.18 3.73 -18.01
C GLU B 13 -8.31 2.32 -17.45
N SER B 14 -7.20 1.57 -17.38
CA SER B 14 -7.26 0.26 -16.76
C SER B 14 -7.48 0.37 -15.25
N LEU B 15 -6.88 1.39 -14.62
CA LEU B 15 -7.07 1.57 -13.19
C LEU B 15 -8.47 2.07 -12.85
N LYS B 16 -9.09 2.86 -13.72
CA LYS B 16 -10.49 3.21 -13.52
C LYS B 16 -11.35 1.97 -13.58
N ARG B 17 -11.11 1.13 -14.58
CA ARG B 17 -11.92 -0.06 -14.81
C ARG B 17 -11.75 -1.06 -13.66
N ILE B 18 -10.53 -1.25 -13.19
CA ILE B 18 -10.29 -2.15 -12.06
C ILE B 18 -10.92 -1.58 -10.79
N GLY B 19 -10.75 -0.28 -10.57
CA GLY B 19 -11.32 0.36 -9.37
C GLY B 19 -12.83 0.29 -9.35
N ASP B 20 -13.46 0.50 -10.50
CA ASP B 20 -14.93 0.51 -10.59
C ASP B 20 -15.46 -0.93 -10.45
N GLU B 21 -14.76 -1.90 -11.02
CA GLU B 21 -15.19 -3.32 -10.93
C GLU B 21 -15.22 -3.76 -9.46
N LEU B 22 -14.26 -3.29 -8.66
CA LEU B 22 -14.20 -3.68 -7.22
C LEU B 22 -15.35 -3.00 -6.48
N ASP B 23 -15.57 -1.73 -6.74
CA ASP B 23 -16.64 -0.98 -6.05
C ASP B 23 -18.00 -1.46 -6.56
N SER B 24 -18.02 -2.05 -7.76
CA SER B 24 -19.29 -2.51 -8.37
C SER B 24 -19.46 -4.02 -8.22
N ASN B 25 -18.50 -4.69 -7.57
CA ASN B 25 -18.61 -6.15 -7.34
C ASN B 25 -19.54 -6.39 -6.17
N MET B 26 -20.72 -6.93 -6.47
CA MET B 26 -21.74 -7.15 -5.42
C MET B 26 -21.33 -8.35 -4.55
N GLU B 27 -20.65 -9.32 -5.16
CA GLU B 27 -20.17 -10.43 -4.33
C GLU B 27 -19.18 -9.93 -3.30
N LEU B 28 -18.25 -9.05 -3.72
CA LEU B 28 -17.35 -8.40 -2.79
C LEU B 28 -18.11 -7.57 -1.76
N GLN B 29 -19.00 -6.71 -2.24
CA GLN B 29 -19.73 -5.80 -1.34
C GLN B 29 -20.54 -6.60 -0.32
N ARG B 30 -21.16 -7.69 -0.76
CA ARG B 30 -21.93 -8.53 0.17
C ARG B 30 -21.00 -9.20 1.17
N MET B 31 -19.85 -9.69 0.71
CA MET B 31 -18.91 -10.31 1.63
C MET B 31 -18.39 -9.33 2.67
N ILE B 32 -18.09 -8.09 2.25
CA ILE B 32 -17.64 -7.08 3.20
C ILE B 32 -18.69 -6.86 4.28
N ALA B 33 -19.96 -6.75 3.89
CA ALA B 33 -21.01 -6.56 4.87
C ALA B 33 -21.16 -7.77 5.77
N ALA B 34 -21.00 -8.97 5.22
CA ALA B 34 -21.15 -10.18 6.04
C ALA B 34 -20.20 -10.18 7.23
N VAL B 35 -19.07 -9.51 7.13
CA VAL B 35 -18.16 -9.42 8.27
C VAL B 35 -18.70 -8.40 9.26
N ASP B 36 -18.27 -8.53 10.52
CA ASP B 36 -18.72 -7.62 11.57
C ASP B 36 -17.52 -7.15 12.40
N THR B 37 -17.54 -5.87 12.76
CA THR B 37 -16.48 -5.26 13.56
C THR B 37 -16.56 -5.63 15.03
N ASP B 38 -16.64 -6.92 15.33
CA ASP B 38 -16.41 -7.40 16.70
C ASP B 38 -14.96 -7.80 16.89
N SER B 39 -14.31 -8.24 15.80
CA SER B 39 -12.86 -8.56 15.81
C SER B 39 -12.41 -8.54 14.35
N PRO B 40 -11.95 -7.41 13.78
CA PRO B 40 -11.65 -7.32 12.34
C PRO B 40 -10.26 -7.73 11.84
N ARG B 41 -9.19 -7.27 12.51
CA ARG B 41 -7.82 -7.56 12.01
C ARG B 41 -7.63 -9.08 11.98
N GLU B 42 -8.18 -9.79 12.97
CA GLU B 42 -8.11 -11.26 12.98
C GLU B 42 -8.73 -11.74 11.68
N VAL B 43 -9.97 -11.31 11.41
CA VAL B 43 -10.62 -11.65 10.11
C VAL B 43 -9.59 -11.49 9.01
N PHE B 44 -8.84 -10.39 9.00
CA PHE B 44 -7.94 -10.20 7.87
C PHE B 44 -6.85 -11.27 7.83
N PHE B 45 -6.29 -11.63 8.98
CA PHE B 45 -5.17 -12.56 8.98
C PHE B 45 -5.61 -13.98 8.63
N ARG B 46 -6.82 -14.37 9.04
CA ARG B 46 -7.35 -15.68 8.65
C ARG B 46 -7.81 -15.72 7.20
N VAL B 47 -8.35 -14.61 6.69
CA VAL B 47 -8.79 -14.57 5.30
C VAL B 47 -7.59 -14.59 4.37
N ALA B 48 -6.52 -13.87 4.72
CA ALA B 48 -5.33 -13.86 3.89
C ALA B 48 -4.69 -15.24 3.85
N ALA B 49 -4.74 -15.98 4.95
CA ALA B 49 -4.15 -17.32 4.97
C ALA B 49 -5.00 -18.32 4.20
N ASP B 50 -6.32 -18.22 4.31
CA ASP B 50 -7.18 -19.09 3.51
C ASP B 50 -7.05 -18.79 2.03
N MET B 51 -6.88 -17.51 1.69
CA MET B 51 -6.79 -17.11 0.29
C MET B 51 -5.53 -17.66 -0.36
N PHE B 52 -4.39 -17.51 0.31
CA PHE B 52 -3.11 -17.99 -0.20
C PHE B 52 -2.80 -19.41 0.25
N SER B 53 -3.80 -20.17 0.69
CA SER B 53 -3.54 -21.56 1.09
C SER B 53 -3.15 -22.40 -0.11
N ASP B 54 -3.80 -22.18 -1.25
CA ASP B 54 -3.46 -22.91 -2.47
C ASP B 54 -2.10 -22.51 -3.01
N GLY B 55 -1.35 -21.74 -2.24
CA GLY B 55 0.01 -21.39 -2.60
C GLY B 55 0.15 -20.40 -3.73
N ASN B 56 -0.96 -20.00 -4.34
CA ASN B 56 -0.89 -19.10 -5.49
C ASN B 56 -0.68 -17.66 -5.04
N PHE B 57 -0.11 -16.87 -5.94
CA PHE B 57 0.28 -15.52 -5.62
C PHE B 57 0.28 -14.69 -6.88
N ASN B 58 -0.41 -13.56 -6.87
CA ASN B 58 -0.48 -12.68 -8.03
C ASN B 58 -1.03 -11.33 -7.61
N TRP B 59 -1.01 -10.39 -8.55
CA TRP B 59 -1.41 -9.03 -8.27
C TRP B 59 -2.92 -8.89 -8.12
N GLY B 60 -3.70 -9.72 -8.82
CA GLY B 60 -5.14 -9.67 -8.68
C GLY B 60 -5.61 -10.04 -7.29
N ARG B 61 -4.98 -11.05 -6.68
CA ARG B 61 -5.36 -11.44 -5.33
C ARG B 61 -4.95 -10.40 -4.30
N VAL B 62 -3.82 -9.73 -4.52
CA VAL B 62 -3.37 -8.69 -3.60
C VAL B 62 -4.35 -7.53 -3.60
N VAL B 63 -4.77 -7.09 -4.79
CA VAL B 63 -5.67 -5.94 -4.84
C VAL B 63 -7.01 -6.28 -4.21
N ALA B 64 -7.55 -7.47 -4.51
CA ALA B 64 -8.79 -7.89 -3.88
C ALA B 64 -8.65 -7.88 -2.37
N LEU B 65 -7.58 -8.48 -1.86
CA LEU B 65 -7.38 -8.53 -0.40
C LEU B 65 -7.20 -7.14 0.17
N PHE B 66 -6.47 -6.27 -0.52
CA PHE B 66 -6.31 -4.90 -0.04
C PHE B 66 -7.65 -4.16 -0.04
N TYR B 67 -8.45 -4.32 -1.10
CA TYR B 67 -9.79 -3.68 -1.14
C TYR B 67 -10.65 -4.20 0.00
N PHE B 68 -10.71 -5.52 0.16
CA PHE B 68 -11.48 -6.08 1.26
C PHE B 68 -11.00 -5.56 2.61
N ALA B 69 -9.68 -5.55 2.82
CA ALA B 69 -9.13 -5.07 4.08
C ALA B 69 -9.50 -3.61 4.33
N SER B 70 -9.29 -2.75 3.33
CA SER B 70 -9.50 -1.32 3.53
C SER B 70 -10.98 -0.99 3.68
N LYS B 71 -11.84 -1.60 2.86
CA LYS B 71 -13.28 -1.45 3.09
C LYS B 71 -13.66 -1.89 4.50
N LEU B 72 -13.01 -2.95 4.99
CA LEU B 72 -13.22 -3.36 6.38
C LEU B 72 -12.84 -2.25 7.35
N VAL B 73 -11.74 -1.54 7.06
CA VAL B 73 -11.30 -0.44 7.91
C VAL B 73 -12.30 0.72 7.85
N LEU B 74 -12.72 1.08 6.63
CA LEU B 74 -13.70 2.15 6.48
C LEU B 74 -14.96 1.87 7.28
N LYS B 75 -15.46 0.64 7.19
CA LYS B 75 -16.67 0.28 7.93
C LYS B 75 -16.53 0.60 9.41
N ALA B 76 -15.46 0.08 10.04
CA ALA B 76 -15.24 0.37 11.45
C ALA B 76 -15.09 1.87 11.70
N LEU B 77 -14.52 2.60 10.75
CA LEU B 77 -14.35 4.04 10.92
C LEU B 77 -15.68 4.80 10.80
N SER B 78 -16.70 4.17 10.23
CA SER B 78 -18.00 4.83 10.08
C SER B 78 -19.14 3.90 10.47
N MET C 8 13.83 -18.91 14.86
CA MET C 8 13.69 -17.61 15.48
C MET C 8 12.25 -17.10 15.41
N GLY C 9 11.73 -16.63 16.55
CA GLY C 9 10.38 -16.13 16.60
C GLY C 9 10.28 -14.70 17.09
N GLN C 10 11.42 -14.12 17.48
CA GLN C 10 11.45 -12.75 17.98
C GLN C 10 11.39 -11.71 16.87
N VAL C 11 11.41 -12.13 15.60
CA VAL C 11 11.39 -11.18 14.51
C VAL C 11 10.14 -10.30 14.60
N GLY C 12 8.98 -10.93 14.81
CA GLY C 12 7.76 -10.16 14.98
C GLY C 12 7.81 -9.26 16.20
N ARG C 13 8.24 -9.82 17.33
CA ARG C 13 8.37 -9.02 18.55
C ARG C 13 9.31 -7.84 18.33
N GLN C 14 10.38 -8.04 17.56
CA GLN C 14 11.30 -6.94 17.28
C GLN C 14 10.72 -5.95 16.27
N LEU C 15 9.93 -6.44 15.32
CA LEU C 15 9.22 -5.53 14.41
C LEU C 15 8.22 -4.68 15.18
N ALA C 16 7.50 -5.28 16.13
CA ALA C 16 6.56 -4.52 16.94
C ALA C 16 7.28 -3.45 17.74
N ILE C 17 8.45 -3.78 18.31
CA ILE C 17 9.26 -2.78 19.01
C ILE C 17 9.69 -1.68 18.05
N ILE C 18 10.25 -2.06 16.91
CA ILE C 18 10.66 -1.08 15.92
C ILE C 18 9.47 -0.25 15.47
N GLY C 19 8.34 -0.91 15.17
CA GLY C 19 7.16 -0.19 14.76
C GLY C 19 6.64 0.73 15.86
N ASP C 20 6.75 0.29 17.11
CA ASP C 20 6.26 1.11 18.22
C ASP C 20 7.10 2.37 18.41
N ASP C 21 8.42 2.26 18.21
CA ASP C 21 9.27 3.43 18.30
C ASP C 21 8.90 4.46 17.24
N ILE C 22 8.59 4.00 16.03
CA ILE C 22 8.16 4.91 14.98
C ILE C 22 6.85 5.58 15.36
N ASN C 23 5.87 4.79 15.82
CA ASN C 23 4.59 5.36 16.20
C ASN C 23 4.72 6.31 17.38
N ARG C 24 5.67 6.06 18.29
CA ARG C 24 5.78 6.88 19.50
C ARG C 24 6.19 8.31 19.20
N ARG C 25 7.00 8.55 18.16
CA ARG C 25 7.53 9.88 17.93
C ARG C 25 7.07 10.53 16.63
N TYR C 26 6.40 9.80 15.75
CA TYR C 26 5.90 10.40 14.52
C TYR C 26 4.38 10.50 14.45
N ASP C 27 3.67 9.55 15.06
CA ASP C 27 2.22 9.48 14.86
C ASP C 27 1.53 10.75 15.31
N SER C 28 1.80 11.20 16.53
CA SER C 28 1.21 12.45 17.02
C SER C 28 1.55 13.60 16.09
N GLU C 29 2.81 13.67 15.64
CA GLU C 29 3.22 14.70 14.70
C GLU C 29 2.41 14.61 13.41
N PHE C 30 2.24 13.39 12.88
CA PHE C 30 1.51 13.23 11.63
C PHE C 30 0.03 13.57 11.79
N GLN C 31 -0.57 13.20 12.92
CA GLN C 31 -1.99 13.47 13.14
C GLN C 31 -2.28 14.97 13.05
N THR C 32 -1.40 15.82 13.60
CA THR C 32 -1.65 17.25 13.59
C THR C 32 -1.36 17.87 12.22
N MET C 33 -0.25 17.50 11.60
CA MET C 33 0.06 18.03 10.27
C MET C 33 -1.08 17.75 9.29
N LEU C 34 -1.54 16.50 9.25
CA LEU C 34 -2.70 16.19 8.41
C LEU C 34 -3.89 17.07 8.76
N GLN C 35 -4.07 17.38 10.05
CA GLN C 35 -5.20 18.23 10.42
C GLN C 35 -5.00 19.66 9.96
N HIS C 36 -3.76 20.17 10.02
CA HIS C 36 -3.50 21.49 9.47
C HIS C 36 -3.51 21.49 7.95
N LEU C 37 -3.44 20.31 7.34
CA LEU C 37 -3.60 20.24 5.89
C LEU C 37 -5.04 20.45 5.48
N GLN C 38 -5.99 19.98 6.29
CA GLN C 38 -7.41 20.03 5.98
C GLN C 38 -7.68 19.44 4.59
N PRO C 39 -7.20 18.23 4.32
CA PRO C 39 -7.41 17.63 2.98
C PRO C 39 -8.86 17.26 2.72
N THR C 40 -9.34 17.63 1.54
CA THR C 40 -10.63 17.20 1.02
C THR C 40 -10.42 16.12 -0.04
N ALA C 41 -11.53 15.49 -0.44
CA ALA C 41 -11.47 14.55 -1.55
C ALA C 41 -11.08 15.23 -2.86
N GLU C 42 -11.18 16.56 -2.93
CA GLU C 42 -10.90 17.27 -4.17
C GLU C 42 -9.41 17.57 -4.31
N ASN C 43 -8.74 17.95 -3.22
CA ASN C 43 -7.35 18.38 -3.29
C ASN C 43 -6.41 17.46 -2.52
N ALA C 44 -6.87 16.28 -2.10
CA ALA C 44 -5.99 15.37 -1.36
C ALA C 44 -4.84 14.88 -2.24
N TYR C 45 -5.15 14.54 -3.49
CA TYR C 45 -4.11 14.01 -4.36
C TYR C 45 -3.10 15.07 -4.75
N GLU C 46 -3.55 16.31 -5.01
CA GLU C 46 -2.59 17.36 -5.29
C GLU C 46 -1.58 17.50 -4.15
N TYR C 47 -2.06 17.58 -2.91
CA TYR C 47 -1.14 17.59 -1.78
C TYR C 47 -0.25 16.36 -1.79
N PHE C 48 -0.81 15.20 -2.17
CA PHE C 48 0.00 13.99 -2.24
C PHE C 48 1.12 14.12 -3.26
N THR C 49 0.81 14.67 -4.44
CA THR C 49 1.83 14.84 -5.47
C THR C 49 2.92 15.81 -5.04
N LYS C 50 2.54 16.90 -4.37
CA LYS C 50 3.53 17.85 -3.90
C LYS C 50 4.39 17.25 -2.80
N ILE C 51 3.78 16.47 -1.91
CA ILE C 51 4.54 15.81 -0.86
C ILE C 51 5.55 14.83 -1.47
N ALA C 52 5.10 14.03 -2.44
CA ALA C 52 5.97 13.02 -3.04
C ALA C 52 7.13 13.67 -3.79
N THR C 53 6.87 14.77 -4.51
CA THR C 53 7.93 15.44 -5.25
C THR C 53 9.04 15.93 -4.33
N SER C 54 8.68 16.65 -3.27
CA SER C 54 9.69 17.08 -2.31
C SER C 54 10.31 15.92 -1.57
N LEU C 55 9.63 14.77 -1.52
CA LEU C 55 10.19 13.60 -0.85
C LEU C 55 11.23 12.90 -1.72
N PHE C 56 10.93 12.76 -3.02
CA PHE C 56 11.87 12.18 -3.95
C PHE C 56 12.83 13.22 -4.50
N GLU C 57 12.87 14.40 -3.87
CA GLU C 57 13.78 15.46 -4.27
C GLU C 57 15.21 15.15 -3.87
N SER C 58 15.41 14.62 -2.66
CA SER C 58 16.74 14.31 -2.14
C SER C 58 17.15 12.86 -2.41
N GLY C 59 16.49 12.20 -3.35
CA GLY C 59 16.76 10.80 -3.65
C GLY C 59 15.56 9.93 -3.40
N ILE C 60 15.63 8.72 -3.94
CA ILE C 60 14.55 7.74 -3.87
C ILE C 60 15.15 6.42 -3.42
N ASN C 61 14.87 6.10 -2.15
CA ASN C 61 15.26 4.80 -1.57
C ASN C 61 13.97 4.03 -1.30
N TRP C 62 14.05 2.75 -0.97
CA TRP C 62 12.84 1.90 -0.78
C TRP C 62 12.03 2.38 0.43
N GLY C 63 12.71 2.77 1.50
CA GLY C 63 12.01 3.25 2.71
C GLY C 63 11.20 4.49 2.44
N ARG C 64 11.71 5.40 1.62
CA ARG C 64 10.89 6.54 1.30
C ARG C 64 9.72 6.14 0.40
N VAL C 65 9.96 5.19 -0.50
CA VAL C 65 8.88 4.65 -1.32
C VAL C 65 7.82 4.02 -0.43
N VAL C 66 8.25 3.19 0.53
CA VAL C 66 7.31 2.55 1.45
C VAL C 66 6.58 3.61 2.27
N ALA C 67 7.31 4.59 2.80
CA ALA C 67 6.66 5.63 3.61
C ALA C 67 5.63 6.40 2.78
N LEU C 68 5.92 6.64 1.50
CA LEU C 68 4.97 7.38 0.67
C LEU C 68 3.71 6.56 0.41
N LEU C 69 3.88 5.29 0.02
CA LEU C 69 2.73 4.42 -0.19
C LEU C 69 1.90 4.27 1.09
N GLY C 70 2.56 4.09 2.23
CA GLY C 70 1.83 4.06 3.49
C GLY C 70 1.11 5.37 3.76
N PHE C 71 1.77 6.50 3.49
CA PHE C 71 1.14 7.80 3.66
C PHE C 71 -0.03 8.00 2.71
N GLY C 72 0.05 7.47 1.49
CA GLY C 72 -1.06 7.58 0.56
C GLY C 72 -2.34 6.98 1.12
N TYR C 73 -2.22 5.84 1.81
CA TYR C 73 -3.38 5.17 2.39
C TYR C 73 -3.86 5.90 3.64
N ARG C 74 -2.95 6.39 4.48
CA ARG C 74 -3.35 7.10 5.69
C ARG C 74 -4.03 8.42 5.34
N LEU C 75 -3.53 9.11 4.32
CA LEU C 75 -4.17 10.33 3.87
C LEU C 75 -5.57 10.07 3.32
N ALA C 76 -5.73 8.99 2.56
CA ALA C 76 -7.05 8.62 2.06
C ALA C 76 -8.00 8.33 3.22
N LEU C 77 -7.53 7.60 4.24
CA LEU C 77 -8.36 7.34 5.41
C LEU C 77 -8.70 8.61 6.15
N HIS C 78 -7.75 9.56 6.20
CA HIS C 78 -8.01 10.84 6.84
C HIS C 78 -9.09 11.61 6.09
N VAL C 79 -8.98 11.68 4.77
CA VAL C 79 -9.96 12.39 3.98
C VAL C 79 -11.36 11.83 4.26
N TYR C 80 -11.51 10.52 4.14
CA TYR C 80 -12.82 9.90 4.35
C TYR C 80 -13.40 10.23 5.71
N GLN C 81 -12.54 10.30 6.72
CA GLN C 81 -13.01 10.50 8.09
C GLN C 81 -13.22 11.97 8.42
N HIS C 82 -12.21 12.81 8.14
CA HIS C 82 -12.24 14.21 8.50
C HIS C 82 -12.39 15.13 7.28
N GLY C 83 -12.91 14.60 6.17
CA GLY C 83 -13.04 15.39 4.97
C GLY C 83 -14.13 16.43 5.12
N GLY C 84 -14.43 17.09 4.00
CA GLY C 84 -15.41 18.17 4.03
C GLY C 84 -14.93 19.41 4.73
N SER C 85 -13.61 19.63 4.78
CA SER C 85 -13.01 20.79 5.40
C SER C 85 -13.17 20.79 6.92
N GLY C 86 -13.14 19.62 7.54
CA GLY C 86 -13.20 19.53 8.98
C GLY C 86 -12.05 20.25 9.67
N GLY D 1 -3.19 26.40 0.78
CA GLY D 1 -2.32 25.84 -0.24
C GLY D 1 -3.00 25.71 -1.57
N GLY D 2 -3.49 24.50 -1.87
CA GLY D 2 -4.17 24.18 -3.12
C GLY D 2 -3.28 23.55 -4.17
N SER D 3 -1.96 23.66 -4.01
CA SER D 3 -0.98 23.02 -4.88
C SER D 3 0.39 23.13 -4.22
N GLY D 4 0.69 24.32 -3.69
CA GLY D 4 1.74 24.48 -2.71
C GLY D 4 1.20 24.42 -1.28
N ASP D 5 2.13 24.44 -0.32
CA ASP D 5 1.76 24.71 1.06
C ASP D 5 2.88 24.34 2.02
N ALA D 6 2.97 25.10 3.11
CA ALA D 6 3.96 24.85 4.16
C ALA D 6 3.92 23.40 4.63
N SER D 7 2.73 22.95 5.07
CA SER D 7 2.64 21.63 5.71
C SER D 7 3.06 20.50 4.79
N THR D 8 2.85 20.66 3.48
CA THR D 8 3.36 19.66 2.54
C THR D 8 4.86 19.46 2.74
N LYS D 9 5.58 20.56 2.99
CA LYS D 9 7.02 20.47 3.21
C LYS D 9 7.34 19.80 4.53
N LYS D 10 6.49 20.00 5.54
CA LYS D 10 6.71 19.37 6.84
C LYS D 10 6.40 17.88 6.78
N LEU D 11 5.36 17.51 6.03
CA LEU D 11 5.00 16.09 5.91
C LEU D 11 6.01 15.34 5.05
N SER D 12 6.45 15.96 3.94
CA SER D 12 7.42 15.31 3.08
C SER D 12 8.72 15.05 3.82
N GLU D 13 9.25 16.07 4.46
CA GLU D 13 10.50 15.91 5.18
C GLU D 13 10.35 14.95 6.35
N SER D 14 9.15 14.86 6.92
CA SER D 14 8.87 13.85 7.93
C SER D 14 8.85 12.45 7.31
N LEU D 15 8.40 12.34 6.05
CA LEU D 15 8.44 11.07 5.35
C LEU D 15 9.86 10.69 4.97
N LYS D 16 10.73 11.68 4.77
CA LYS D 16 12.14 11.40 4.56
C LYS D 16 12.75 10.69 5.76
N ARG D 17 12.47 11.19 6.97
CA ARG D 17 13.10 10.63 8.17
C ARG D 17 12.65 9.19 8.41
N ILE D 18 11.37 8.91 8.26
CA ILE D 18 10.90 7.55 8.50
C ILE D 18 11.47 6.59 7.47
N GLY D 19 11.50 7.00 6.21
CA GLY D 19 12.01 6.10 5.17
C GLY D 19 13.49 5.83 5.33
N ASP D 20 14.26 6.88 5.58
CA ASP D 20 15.73 6.76 5.72
C ASP D 20 16.01 5.96 7.00
N GLU D 21 15.19 6.15 8.01
CA GLU D 21 15.38 5.43 9.29
C GLU D 21 15.19 3.94 9.06
N LEU D 22 14.21 3.55 8.23
CA LEU D 22 13.94 2.13 7.94
C LEU D 22 15.13 1.52 7.18
N ASP D 23 15.64 2.23 6.18
CA ASP D 23 16.78 1.73 5.36
C ASP D 23 18.08 1.81 6.19
N SER D 24 18.08 2.59 7.27
CA SER D 24 19.28 2.79 8.11
C SER D 24 19.23 1.89 9.34
N ASN D 25 18.15 1.15 9.53
CA ASN D 25 18.02 0.23 10.69
C ASN D 25 18.75 -1.07 10.33
N MET D 26 19.84 -1.35 11.02
CA MET D 26 20.67 -2.52 10.69
C MET D 26 20.02 -3.77 11.25
N GLU D 27 19.35 -3.69 12.40
CA GLU D 27 18.67 -4.91 12.91
C GLU D 27 17.56 -5.33 11.93
N LEU D 28 16.84 -4.37 11.37
CA LEU D 28 15.78 -4.67 10.38
C LEU D 28 16.40 -5.32 9.14
N GLN D 29 17.53 -4.79 8.67
CA GLN D 29 18.22 -5.31 7.46
C GLN D 29 18.71 -6.73 7.71
N ARG D 30 19.21 -7.00 8.92
CA ARG D 30 19.70 -8.35 9.29
C ARG D 30 18.53 -9.32 9.37
N MET D 31 17.40 -8.86 9.91
CA MET D 31 16.19 -9.71 10.02
C MET D 31 15.75 -10.13 8.60
N ILE D 32 15.81 -9.23 7.62
CA ILE D 32 15.46 -9.59 6.25
C ILE D 32 16.38 -10.71 5.76
N ALA D 33 17.69 -10.55 5.99
CA ALA D 33 18.64 -11.57 5.54
C ALA D 33 18.46 -12.88 6.31
N ALA D 34 18.17 -12.80 7.60
CA ALA D 34 17.98 -14.01 8.41
C ALA D 34 16.87 -14.90 7.90
N VAL D 35 15.91 -14.35 7.14
CA VAL D 35 14.82 -15.14 6.60
C VAL D 35 15.31 -15.97 5.42
N ASP D 36 14.53 -16.98 5.05
CA ASP D 36 14.86 -17.86 3.93
C ASP D 36 13.66 -17.95 3.01
N THR D 37 13.90 -17.81 1.71
CA THR D 37 12.85 -17.94 0.71
C THR D 37 12.63 -19.41 0.41
N ASP D 38 12.44 -20.23 1.45
CA ASP D 38 11.99 -21.59 1.29
C ASP D 38 10.47 -21.66 1.31
N SER D 39 9.86 -20.88 2.20
CA SER D 39 8.44 -20.57 2.16
C SER D 39 8.33 -19.11 2.55
N PRO D 40 8.01 -18.23 1.60
CA PRO D 40 8.10 -16.80 1.89
C PRO D 40 6.88 -16.33 2.67
N ARG D 41 5.70 -16.56 2.11
CA ARG D 41 4.45 -16.17 2.76
C ARG D 41 4.41 -16.65 4.22
N GLU D 42 4.68 -17.93 4.45
CA GLU D 42 4.60 -18.45 5.81
C GLU D 42 5.48 -17.67 6.78
N VAL D 43 6.66 -17.24 6.32
CA VAL D 43 7.50 -16.39 7.16
C VAL D 43 6.77 -15.10 7.52
N PHE D 44 6.07 -14.51 6.55
CA PHE D 44 5.38 -13.25 6.79
C PHE D 44 4.23 -13.44 7.77
N PHE D 45 3.45 -14.51 7.60
CA PHE D 45 2.27 -14.71 8.45
C PHE D 45 2.66 -15.13 9.87
N ARG D 46 3.77 -15.84 10.03
CA ARG D 46 4.23 -16.14 11.38
C ARG D 46 4.81 -14.90 12.05
N VAL D 47 5.42 -14.00 11.27
CA VAL D 47 5.91 -12.74 11.82
C VAL D 47 4.76 -11.80 12.15
N ALA D 48 3.75 -11.74 11.26
CA ALA D 48 2.60 -10.87 11.52
C ALA D 48 1.81 -11.32 12.73
N ALA D 49 1.70 -12.63 12.94
CA ALA D 49 0.98 -13.14 14.11
C ALA D 49 1.81 -12.91 15.37
N ASP D 50 3.12 -13.06 15.29
CA ASP D 50 4.00 -12.75 16.42
C ASP D 50 4.00 -11.25 16.71
N MET D 51 3.92 -10.42 15.67
CA MET D 51 3.96 -8.97 15.87
C MET D 51 2.71 -8.49 16.61
N PHE D 52 1.53 -8.94 16.18
CA PHE D 52 0.28 -8.53 16.81
C PHE D 52 -0.14 -9.48 17.91
N SER D 53 0.80 -10.26 18.45
CA SER D 53 0.50 -11.15 19.56
C SER D 53 0.18 -10.38 20.82
N ASP D 54 0.87 -9.27 21.06
CA ASP D 54 0.61 -8.45 22.25
C ASP D 54 -0.72 -7.71 22.19
N GLY D 55 -1.52 -7.88 21.14
CA GLY D 55 -2.82 -7.25 21.02
C GLY D 55 -2.79 -5.77 20.68
N ASN D 56 -1.62 -5.14 20.62
CA ASN D 56 -1.51 -3.72 20.30
C ASN D 56 -1.52 -3.50 18.78
N PHE D 57 -1.86 -2.26 18.39
CA PHE D 57 -2.01 -1.90 16.99
C PHE D 57 -1.77 -0.39 16.81
N ASN D 58 -0.98 -0.03 15.80
CA ASN D 58 -0.72 1.38 15.51
C ASN D 58 -0.11 1.49 14.11
N TRP D 59 0.03 2.74 13.64
CA TRP D 59 0.54 2.97 12.29
C TRP D 59 2.03 2.68 12.16
N GLY D 60 2.79 2.88 13.24
CA GLY D 60 4.21 2.56 13.17
C GLY D 60 4.44 1.09 12.88
N ARG D 61 3.59 0.23 13.42
CA ARG D 61 3.69 -1.19 13.12
C ARG D 61 3.28 -1.48 11.69
N VAL D 62 2.35 -0.70 11.14
CA VAL D 62 1.95 -0.90 9.75
C VAL D 62 3.13 -0.66 8.83
N VAL D 63 3.85 0.45 9.04
CA VAL D 63 4.97 0.79 8.18
C VAL D 63 6.10 -0.23 8.35
N ALA D 64 6.42 -0.59 9.59
CA ALA D 64 7.45 -1.58 9.81
C ALA D 64 7.13 -2.87 9.07
N LEU D 65 5.91 -3.38 9.25
CA LEU D 65 5.52 -4.63 8.60
C LEU D 65 5.51 -4.49 7.08
N PHE D 66 5.01 -3.36 6.58
CA PHE D 66 4.98 -3.15 5.13
C PHE D 66 6.39 -3.08 4.56
N TYR D 67 7.30 -2.39 5.24
CA TYR D 67 8.71 -2.36 4.78
C TYR D 67 9.30 -3.76 4.79
N PHE D 68 9.13 -4.48 5.90
CA PHE D 68 9.65 -5.84 5.98
C PHE D 68 9.07 -6.69 4.85
N ALA D 69 7.76 -6.60 4.65
CA ALA D 69 7.12 -7.41 3.62
C ALA D 69 7.71 -7.11 2.24
N SER D 70 7.84 -5.83 1.89
CA SER D 70 8.29 -5.48 0.55
C SER D 70 9.75 -5.82 0.34
N LYS D 71 10.61 -5.52 1.32
CA LYS D 71 12.00 -5.96 1.23
C LYS D 71 12.09 -7.47 1.09
N LEU D 72 11.22 -8.19 1.79
CA LEU D 72 11.14 -9.62 1.62
C LEU D 72 10.79 -9.96 0.17
N VAL D 73 9.91 -9.18 -0.44
CA VAL D 73 9.53 -9.41 -1.83
C VAL D 73 10.70 -9.10 -2.76
N LEU D 74 11.39 -7.97 -2.53
CA LEU D 74 12.55 -7.64 -3.35
C LEU D 74 13.59 -8.74 -3.30
N LYS D 75 13.88 -9.24 -2.10
CA LYS D 75 14.85 -10.31 -1.96
C LYS D 75 14.47 -11.51 -2.82
N ALA D 76 13.24 -12.01 -2.64
CA ALA D 76 12.78 -13.14 -3.45
C ALA D 76 12.76 -12.79 -4.94
N LEU D 77 12.44 -11.55 -5.29
CA LEU D 77 12.35 -11.18 -6.69
C LEU D 77 13.72 -11.09 -7.37
N SER D 78 14.80 -11.02 -6.60
CA SER D 78 16.14 -10.94 -7.15
C SER D 78 17.10 -11.89 -6.45
N THR D 79 16.59 -12.82 -5.65
CA THR D 79 17.43 -13.75 -4.89
C THR D 79 16.66 -15.08 -4.78
N LYS D 80 16.89 -15.94 -5.76
CA LYS D 80 16.22 -17.24 -5.82
C LYS D 80 14.75 -17.07 -6.15
#